data_2UZP
#
_entry.id   2UZP
#
_cell.length_a   138.503
_cell.length_b   138.503
_cell.length_c   68.358
_cell.angle_alpha   90.00
_cell.angle_beta   90.00
_cell.angle_gamma   90.00
#
_symmetry.space_group_name_H-M   'P 43 21 2'
#
loop_
_entity.id
_entity.type
_entity.pdbx_description
1 polymer 'PROTEIN KINASE C GAMMA TYPE'
2 non-polymer "PYRIDOXAL-5'-PHOSPHATE"
3 non-polymer 'COBALT (II) ION'
4 non-polymer 'CALCIUM ION'
5 non-polymer 'SULFATE ION'
6 non-polymer 1,2-ETHANEDIOL
7 water water
#
_entity_poly.entity_id   1
_entity_poly.type   'polypeptide(L)'
_entity_poly.pdbx_seq_one_letter_code
;(DSN)MHTERRGRLQLEIRAPTADEIHVTVGEARNLIPMDPNGLSDPYVKLKLIPDPRNLTKQKTRTVKATLNPVWNETF
VFNLKPGDVERRLSVEVWDWDRTSRNDFMGAMSFGVSELLKAPVDGWYKLLNQEEGEYYNVPVADADN
;
_entity_poly.pdbx_strand_id   A,B,C
#
# COMPACT_ATOMS: atom_id res chain seq x y z
N MET A 2 -18.30 0.86 -24.18
CA MET A 2 -17.19 -0.03 -23.85
C MET A 2 -16.26 0.73 -22.92
N HIS A 3 -16.64 1.97 -22.60
CA HIS A 3 -15.67 2.85 -21.96
C HIS A 3 -15.96 3.16 -20.50
N THR A 4 -16.79 2.36 -19.83
CA THR A 4 -17.02 2.56 -18.41
C THR A 4 -15.75 2.24 -17.64
N GLU A 5 -15.23 3.22 -16.92
CA GLU A 5 -13.94 3.09 -16.27
C GLU A 5 -14.10 2.57 -14.86
N ARG A 6 -13.54 1.38 -14.61
CA ARG A 6 -13.63 0.72 -13.29
C ARG A 6 -12.31 0.60 -12.58
N ARG A 7 -11.23 0.96 -13.27
CA ARG A 7 -9.85 0.79 -12.78
C ARG A 7 -8.99 2.04 -12.97
N GLY A 8 -9.63 3.16 -13.30
CA GLY A 8 -8.91 4.40 -13.57
C GLY A 8 -8.56 4.57 -15.04
N ARG A 9 -7.83 5.65 -15.31
CA ARG A 9 -7.43 6.03 -16.67
C ARG A 9 -5.95 6.43 -16.65
N LEU A 10 -5.29 6.25 -17.79
CA LEU A 10 -3.87 6.48 -17.95
C LEU A 10 -3.61 7.35 -19.16
N GLN A 11 -2.71 8.31 -19.02
CA GLN A 11 -2.37 9.23 -20.09
C GLN A 11 -1.07 8.73 -20.72
N LEU A 12 -1.11 8.57 -22.04
CA LEU A 12 -0.01 8.01 -22.83
C LEU A 12 0.16 8.78 -24.13
N GLU A 13 1.40 8.79 -24.62
CA GLU A 13 1.71 9.17 -25.98
C GLU A 13 2.65 8.12 -26.58
N ILE A 14 2.33 7.67 -27.79
CA ILE A 14 3.18 6.73 -28.52
C ILE A 14 3.34 7.19 -29.95
N ARG A 15 4.59 7.26 -30.41
CA ARG A 15 4.94 7.66 -31.76
C ARG A 15 5.99 6.71 -32.32
N ALA A 16 5.95 6.49 -33.63
CA ALA A 16 7.00 5.77 -34.34
C ALA A 16 7.67 6.76 -35.30
N PRO A 17 8.80 7.36 -34.90
CA PRO A 17 9.54 8.27 -35.77
C PRO A 17 9.98 7.60 -37.08
N THR A 18 10.47 6.37 -36.96
CA THR A 18 10.64 5.49 -38.12
C THR A 18 10.08 4.12 -37.76
N ALA A 19 10.06 3.20 -38.72
CA ALA A 19 9.57 1.82 -38.45
C ALA A 19 10.42 1.08 -37.41
N ASP A 20 11.66 1.51 -37.22
CA ASP A 20 12.62 0.77 -36.39
C ASP A 20 12.58 1.15 -34.91
N GLU A 21 11.77 2.14 -34.55
CA GLU A 21 11.61 2.47 -33.14
C GLU A 21 10.27 3.12 -32.82
N ILE A 22 9.75 2.81 -31.62
CA ILE A 22 8.63 3.54 -31.06
C ILE A 22 9.08 4.24 -29.78
N HIS A 23 8.59 5.47 -29.61
CA HIS A 23 8.81 6.28 -28.40
C HIS A 23 7.51 6.32 -27.63
N VAL A 24 7.58 5.87 -26.37
CA VAL A 24 6.42 5.79 -25.50
C VAL A 24 6.62 6.74 -24.31
N THR A 25 5.71 7.69 -24.15
CA THR A 25 5.72 8.57 -22.97
C THR A 25 4.56 8.19 -22.04
N VAL A 26 4.89 7.73 -20.83
CA VAL A 26 3.89 7.45 -19.80
C VAL A 26 3.71 8.70 -18.95
N GLY A 27 2.52 9.28 -19.02
CA GLY A 27 2.23 10.55 -18.35
C GLY A 27 1.88 10.37 -16.90
N GLU A 28 0.60 10.11 -16.66
CA GLU A 28 0.04 10.03 -15.32
C GLU A 28 -1.20 9.15 -15.36
N ALA A 29 -1.66 8.74 -14.19
CA ALA A 29 -2.91 8.01 -14.06
C ALA A 29 -3.83 8.69 -13.06
N ARG A 30 -5.13 8.52 -13.24
CA ARG A 30 -6.10 9.06 -12.29
C ARG A 30 -7.02 7.94 -11.86
N ASN A 31 -7.48 8.00 -10.61
CA ASN A 31 -8.61 7.20 -10.10
C ASN A 31 -8.24 5.71 -10.01
N LEU A 32 -7.01 5.41 -9.65
CA LEU A 32 -6.58 4.03 -9.55
C LEU A 32 -7.23 3.37 -8.35
N ILE A 33 -7.28 2.05 -8.38
CA ILE A 33 -7.90 1.26 -7.32
C ILE A 33 -6.92 0.99 -6.16
N PRO A 34 -7.39 1.16 -4.91
CA PRO A 34 -6.56 0.85 -3.77
C PRO A 34 -6.28 -0.64 -3.64
N MET A 35 -5.01 -0.97 -3.45
CA MET A 35 -4.58 -2.35 -3.39
C MET A 35 -3.67 -2.62 -2.19
N ASP A 36 -3.73 -1.73 -1.19
CA ASP A 36 -2.98 -1.86 0.05
C ASP A 36 -3.92 -1.63 1.21
N PRO A 37 -3.53 -2.13 2.39
CA PRO A 37 -4.36 -1.92 3.59
C PRO A 37 -4.61 -0.46 3.94
N ASN A 38 -3.71 0.44 3.56
CA ASN A 38 -3.86 1.87 3.81
C ASN A 38 -4.80 2.59 2.83
N GLY A 39 -5.44 1.86 1.93
CA GLY A 39 -6.38 2.43 1.00
C GLY A 39 -5.71 3.18 -0.13
N LEU A 40 -4.40 2.95 -0.29
CA LEU A 40 -3.63 3.53 -1.37
C LEU A 40 -3.02 2.35 -2.20
N SER A 41 -2.09 2.70 -3.07
CA SER A 41 -1.31 1.77 -3.87
C SER A 41 0.06 2.42 -4.07
N ASP A 42 0.99 1.68 -4.69
CA ASP A 42 2.34 2.22 -5.01
C ASP A 42 2.63 1.98 -6.50
N PRO A 43 2.00 2.79 -7.37
CA PRO A 43 1.95 2.39 -8.77
C PRO A 43 3.20 2.59 -9.58
N TYR A 44 3.42 1.66 -10.50
CA TYR A 44 4.38 1.85 -11.56
C TYR A 44 3.79 1.21 -12.82
N VAL A 45 4.36 1.57 -13.96
CA VAL A 45 3.94 1.01 -15.24
C VAL A 45 5.04 0.13 -15.81
N LYS A 46 4.63 -1.07 -16.20
CA LYS A 46 5.46 -2.04 -16.90
C LYS A 46 5.13 -2.01 -18.38
N LEU A 47 6.15 -1.82 -19.21
CA LEU A 47 6.02 -1.86 -20.67
C LEU A 47 6.79 -3.04 -21.27
N LYS A 48 6.15 -3.75 -22.20
CA LYS A 48 6.82 -4.81 -22.93
C LYS A 48 6.14 -5.10 -24.25
N LEU A 49 6.87 -5.75 -25.15
CA LEU A 49 6.27 -6.25 -26.39
C LEU A 49 5.92 -7.71 -26.18
N ILE A 50 4.66 -8.07 -26.41
CA ILE A 50 4.19 -9.45 -26.20
C ILE A 50 3.90 -10.11 -27.56
N PRO A 51 4.10 -11.44 -27.68
N PRO A 51 4.03 -11.46 -27.66
CA PRO A 51 4.71 -12.31 -26.69
CA PRO A 51 4.39 -12.50 -26.66
C PRO A 51 6.22 -12.10 -26.54
C PRO A 51 5.59 -12.21 -25.75
N ASP A 52 6.72 -12.30 -25.33
N ASP A 52 5.54 -12.76 -24.54
CA ASP A 52 8.13 -12.12 -25.00
CA ASP A 52 6.15 -12.14 -23.37
C ASP A 52 8.54 -13.47 -24.40
C ASP A 52 7.16 -12.97 -22.56
N PRO A 53 8.84 -14.46 -25.26
N PRO A 53 7.02 -14.30 -22.56
CA PRO A 53 9.22 -15.78 -24.75
CA PRO A 53 7.60 -15.13 -21.51
C PRO A 53 10.60 -15.80 -24.07
C PRO A 53 8.90 -14.58 -20.91
N ARG A 54 11.43 -14.81 -24.38
N ARG A 54 9.80 -14.14 -21.78
CA ARG A 54 12.78 -14.69 -23.80
CA ARG A 54 11.20 -13.86 -21.44
C ARG A 54 12.87 -13.64 -22.69
C ARG A 54 11.43 -12.58 -20.63
N ASN A 55 11.76 -12.97 -22.40
N ASN A 55 10.60 -11.57 -20.86
CA ASN A 55 11.70 -11.92 -21.37
CA ASN A 55 10.81 -10.24 -20.28
C ASN A 55 12.80 -10.89 -21.53
C ASN A 55 12.07 -9.56 -20.82
N LEU A 56 12.84 -10.25 -22.71
N LEU A 56 12.53 -10.01 -21.99
CA LEU A 56 13.93 -9.35 -23.06
CA LEU A 56 13.69 -9.40 -22.66
C LEU A 56 13.53 -7.89 -23.30
C LEU A 56 13.48 -7.93 -23.01
N THR A 57 12.24 -7.57 -23.33
CA THR A 57 11.82 -6.22 -23.76
C THR A 57 11.28 -5.34 -22.63
N LYS A 58 11.14 -5.91 -21.44
CA LYS A 58 10.49 -5.23 -20.32
C LYS A 58 11.23 -3.94 -19.92
N GLN A 59 10.50 -2.83 -19.85
CA GLN A 59 10.97 -1.60 -19.22
C GLN A 59 9.89 -1.13 -18.24
N LYS A 60 10.28 -0.25 -17.32
CA LYS A 60 9.30 0.22 -16.35
C LYS A 60 9.58 1.63 -15.84
N THR A 61 8.52 2.27 -15.37
CA THR A 61 8.63 3.56 -14.73
C THR A 61 9.15 3.42 -13.32
N ARG A 62 9.47 4.55 -12.71
CA ARG A 62 9.67 4.61 -11.29
C ARG A 62 8.36 4.23 -10.63
N THR A 63 8.45 3.81 -9.38
CA THR A 63 7.29 3.60 -8.53
C THR A 63 6.98 4.92 -7.82
N VAL A 64 5.71 5.32 -7.82
CA VAL A 64 5.27 6.45 -7.01
C VAL A 64 4.57 5.89 -5.79
N LYS A 65 5.13 6.14 -4.60
CA LYS A 65 4.61 5.56 -3.38
C LYS A 65 3.36 6.28 -2.89
N ALA A 66 2.40 5.51 -2.37
CA ALA A 66 1.32 6.07 -1.56
C ALA A 66 0.43 7.06 -2.32
N THR A 67 -0.12 6.59 -3.43
CA THR A 67 -1.00 7.41 -4.26
C THR A 67 -1.93 6.57 -5.12
N LEU A 68 -3.04 7.18 -5.52
CA LEU A 68 -3.97 6.59 -6.48
C LEU A 68 -3.99 7.44 -7.75
N ASN A 69 -3.12 8.46 -7.78
CA ASN A 69 -3.07 9.45 -8.87
C ASN A 69 -1.62 9.79 -9.21
N PRO A 70 -0.85 8.77 -9.64
CA PRO A 70 0.58 8.98 -9.88
C PRO A 70 0.88 9.81 -11.12
N VAL A 71 1.95 10.60 -11.04
CA VAL A 71 2.50 11.31 -12.20
C VAL A 71 3.91 10.78 -12.43
N TRP A 72 4.13 10.18 -13.60
CA TRP A 72 5.45 9.63 -13.92
C TRP A 72 6.21 10.52 -14.87
N ASN A 73 5.58 10.91 -15.98
CA ASN A 73 6.22 11.70 -17.05
C ASN A 73 7.57 11.12 -17.53
N GLU A 74 7.57 9.86 -17.97
CA GLU A 74 8.80 9.16 -18.37
C GLU A 74 8.66 8.69 -19.79
N THR A 75 9.75 8.76 -20.55
CA THR A 75 9.76 8.33 -21.95
C THR A 75 10.67 7.12 -22.12
N PHE A 76 10.26 6.21 -23.01
CA PHE A 76 10.95 4.95 -23.25
C PHE A 76 11.09 4.73 -24.75
N VAL A 77 12.22 4.16 -25.16
CA VAL A 77 12.42 3.78 -26.54
C VAL A 77 12.38 2.25 -26.67
N PHE A 78 11.60 1.76 -27.63
CA PHE A 78 11.70 0.36 -28.08
C PHE A 78 12.28 0.30 -29.49
N ASN A 79 13.41 -0.39 -29.64
CA ASN A 79 14.01 -0.63 -30.94
C ASN A 79 13.38 -1.88 -31.54
N LEU A 80 12.87 -1.73 -32.75
CA LEU A 80 12.00 -2.72 -33.35
C LEU A 80 12.68 -3.47 -34.46
N LYS A 81 12.19 -4.68 -34.70
CA LYS A 81 12.70 -5.57 -35.73
C LYS A 81 11.49 -6.08 -36.51
N PRO A 82 11.69 -6.57 -37.74
CA PRO A 82 10.57 -7.01 -38.56
C PRO A 82 9.59 -7.99 -37.88
N GLY A 83 10.10 -8.90 -37.05
CA GLY A 83 9.25 -9.80 -36.25
C GLY A 83 8.22 -9.12 -35.35
N ASP A 84 8.46 -7.86 -35.01
CA ASP A 84 7.58 -7.11 -34.12
C ASP A 84 6.23 -6.76 -34.75
N VAL A 85 6.05 -6.96 -36.07
CA VAL A 85 4.73 -6.76 -36.70
C VAL A 85 3.69 -7.73 -36.14
N GLU A 86 4.15 -8.87 -35.62
CA GLU A 86 3.30 -9.86 -34.97
C GLU A 86 3.01 -9.52 -33.50
N ARG A 87 3.61 -8.45 -32.96
CA ARG A 87 3.57 -8.20 -31.52
C ARG A 87 2.72 -6.99 -31.13
N ARG A 88 2.49 -6.88 -29.82
CA ARG A 88 1.71 -5.81 -29.26
C ARG A 88 2.51 -5.17 -28.15
N LEU A 89 2.41 -3.85 -28.04
CA LEU A 89 2.98 -3.14 -26.90
C LEU A 89 2.02 -3.26 -25.72
N SER A 90 2.45 -3.97 -24.68
CA SER A 90 1.69 -4.19 -23.45
C SER A 90 2.02 -3.09 -22.45
N VAL A 91 0.98 -2.49 -21.87
CA VAL A 91 1.08 -1.44 -20.88
C VAL A 91 0.28 -1.84 -19.66
N GLU A 92 0.96 -2.08 -18.54
CA GLU A 92 0.32 -2.55 -17.30
C GLU A 92 0.72 -1.67 -16.11
N VAL A 93 -0.29 -1.26 -15.34
CA VAL A 93 -0.10 -0.55 -14.06
C VAL A 93 -0.13 -1.61 -12.97
N TRP A 94 0.89 -1.58 -12.14
CA TRP A 94 1.08 -2.50 -11.04
C TRP A 94 1.27 -1.73 -9.73
N ASP A 95 0.84 -2.34 -8.64
CA ASP A 95 1.03 -1.85 -7.27
C ASP A 95 2.24 -2.56 -6.67
N TRP A 96 3.33 -1.82 -6.46
CA TRP A 96 4.50 -2.37 -5.78
C TRP A 96 4.16 -2.72 -4.34
N ASP A 97 4.57 -3.90 -3.89
CA ASP A 97 4.40 -4.32 -2.49
C ASP A 97 5.74 -4.71 -1.90
N ARG A 98 5.91 -4.42 -0.62
CA ARG A 98 7.16 -4.68 0.07
C ARG A 98 7.21 -6.09 0.62
N THR A 99 6.09 -6.55 1.18
CA THR A 99 6.06 -7.80 1.94
C THR A 99 5.30 -8.92 1.22
N SER A 100 4.74 -8.61 0.04
CA SER A 100 4.07 -9.63 -0.80
C SER A 100 4.40 -9.38 -2.24
N ARG A 101 3.93 -10.28 -3.12
CA ARG A 101 4.00 -10.05 -4.57
C ARG A 101 3.27 -8.77 -4.96
N ASN A 102 3.81 -8.06 -5.96
CA ASN A 102 3.14 -6.88 -6.51
C ASN A 102 1.76 -7.23 -7.07
N ASP A 103 0.83 -6.28 -6.96
CA ASP A 103 -0.54 -6.54 -7.37
C ASP A 103 -0.88 -5.84 -8.69
N PHE A 104 -1.53 -6.58 -9.58
CA PHE A 104 -1.96 -6.02 -10.86
C PHE A 104 -3.08 -4.99 -10.65
N MET A 105 -2.98 -3.87 -11.34
CA MET A 105 -4.04 -2.85 -11.25
C MET A 105 -4.83 -2.69 -12.54
N GLY A 106 -4.14 -2.53 -13.66
CA GLY A 106 -4.84 -2.28 -14.92
C GLY A 106 -3.92 -2.35 -16.11
N ALA A 107 -4.51 -2.50 -17.29
CA ALA A 107 -3.72 -2.79 -18.48
C ALA A 107 -4.38 -2.37 -19.80
N MET A 108 -3.57 -2.37 -20.85
CA MET A 108 -4.04 -2.23 -22.19
C MET A 108 -2.89 -2.60 -23.12
N SER A 109 -3.19 -2.63 -24.41
CA SER A 109 -2.16 -2.91 -25.39
C SER A 109 -2.48 -2.25 -26.72
N PHE A 110 -1.42 -2.11 -27.51
CA PHE A 110 -1.47 -1.49 -28.82
C PHE A 110 -0.71 -2.38 -29.80
N GLY A 111 -1.31 -2.64 -30.96
CA GLY A 111 -0.66 -3.41 -32.00
C GLY A 111 0.50 -2.63 -32.53
N VAL A 112 1.66 -3.27 -32.65
CA VAL A 112 2.84 -2.60 -33.19
C VAL A 112 2.59 -2.09 -34.61
N SER A 113 2.01 -2.93 -35.46
CA SER A 113 1.73 -2.54 -36.84
C SER A 113 0.80 -1.32 -36.91
N GLU A 114 -0.14 -1.23 -35.97
CA GLU A 114 -1.06 -0.08 -35.88
C GLU A 114 -0.32 1.19 -35.43
N LEU A 115 0.59 1.03 -34.45
CA LEU A 115 1.47 2.13 -34.01
C LEU A 115 2.40 2.61 -35.14
N LEU A 116 2.86 1.72 -35.99
CA LEU A 116 3.68 2.13 -37.14
C LEU A 116 2.88 2.95 -38.18
N LYS A 117 1.54 2.86 -38.14
CA LYS A 117 0.66 3.57 -39.06
C LYS A 117 0.01 4.82 -38.45
N ALA A 118 -0.18 4.85 -37.13
CA ALA A 118 -0.83 6.00 -36.47
C ALA A 118 -0.42 6.17 -35.00
N PRO A 119 -0.04 7.40 -34.60
CA PRO A 119 0.38 7.62 -33.24
C PRO A 119 -0.77 7.64 -32.23
N VAL A 120 -0.40 7.63 -30.94
CA VAL A 120 -1.32 7.68 -29.80
C VAL A 120 -0.98 8.93 -29.00
N ASP A 121 -2.00 9.64 -28.51
CA ASP A 121 -1.80 10.75 -27.60
C ASP A 121 -3.12 11.03 -26.89
N GLY A 122 -3.30 10.48 -25.70
CA GLY A 122 -4.52 10.74 -24.95
C GLY A 122 -4.68 9.87 -23.74
N TRP A 123 -5.88 9.96 -23.14
CA TRP A 123 -6.26 9.21 -21.97
C TRP A 123 -6.96 7.94 -22.39
N TYR A 124 -6.68 6.87 -21.64
CA TYR A 124 -7.13 5.52 -21.96
C TYR A 124 -7.70 4.85 -20.75
N LYS A 125 -8.77 4.08 -20.98
CA LYS A 125 -9.38 3.27 -19.94
C LYS A 125 -8.50 2.06 -19.60
N LEU A 126 -8.21 1.89 -18.31
CA LEU A 126 -7.47 0.71 -17.82
C LEU A 126 -8.39 -0.51 -17.77
N LEU A 127 -7.91 -1.63 -18.32
CA LEU A 127 -8.70 -2.85 -18.46
C LEU A 127 -8.17 -3.94 -17.53
N ASN A 128 -8.92 -5.03 -17.41
CA ASN A 128 -8.41 -6.18 -16.66
C ASN A 128 -7.18 -6.78 -17.39
N GLN A 129 -6.44 -7.64 -16.71
CA GLN A 129 -5.16 -8.09 -17.23
C GLN A 129 -5.32 -8.92 -18.50
N GLU A 130 -6.35 -9.76 -18.57
CA GLU A 130 -6.59 -10.56 -19.77
C GLU A 130 -6.98 -9.72 -20.99
N GLU A 131 -8.04 -8.89 -20.84
CA GLU A 131 -8.47 -7.95 -21.89
C GLU A 131 -7.33 -7.08 -22.38
N GLY A 132 -6.54 -6.59 -21.43
CA GLY A 132 -5.44 -5.69 -21.67
C GLY A 132 -4.43 -6.19 -22.67
N GLU A 133 -4.23 -7.50 -22.76
CA GLU A 133 -3.31 -8.07 -23.73
C GLU A 133 -3.83 -7.99 -25.17
N TYR A 134 -5.13 -7.69 -25.34
CA TYR A 134 -5.77 -7.72 -26.66
C TYR A 134 -6.28 -6.39 -27.15
N TYR A 135 -6.57 -5.46 -26.24
CA TYR A 135 -7.32 -4.25 -26.59
C TYR A 135 -6.78 -2.99 -25.93
N ASN A 136 -7.12 -1.85 -26.51
CA ASN A 136 -7.09 -0.56 -25.82
C ASN A 136 -8.42 0.15 -26.06
N VAL A 137 -8.78 1.01 -25.11
CA VAL A 137 -10.02 1.78 -25.17
C VAL A 137 -9.74 3.26 -24.83
N PRO A 138 -9.69 4.13 -25.86
CA PRO A 138 -9.62 5.56 -25.55
C PRO A 138 -10.82 6.00 -24.71
N VAL A 139 -10.61 6.84 -23.71
CA VAL A 139 -11.73 7.31 -22.88
C VAL A 139 -12.84 7.92 -23.77
N ALA A 140 -14.09 7.83 -23.34
CA ALA A 140 -15.19 8.39 -24.13
C ALA A 140 -15.17 9.93 -24.07
N ASP A 141 -15.66 10.61 -25.10
CA ASP A 141 -15.74 12.09 -25.02
C ASP A 141 -16.91 12.50 -24.12
N ALA A 142 -16.77 13.65 -23.47
CA ALA A 142 -17.81 14.19 -22.60
C ALA A 142 -19.09 14.55 -23.41
N MET B 2 0.77 -4.53 19.76
CA MET B 2 1.13 -5.30 18.57
C MET B 2 -0.16 -5.70 17.90
N HIS B 3 -1.29 -5.23 18.45
CA HIS B 3 -2.57 -5.78 18.00
C HIS B 3 -3.43 -4.82 17.21
N THR B 4 -2.84 -3.76 16.67
CA THR B 4 -3.56 -2.87 15.75
C THR B 4 -3.90 -3.60 14.45
N GLU B 5 -5.20 -3.72 14.15
CA GLU B 5 -5.62 -4.53 13.03
C GLU B 5 -5.78 -3.67 11.80
N ARG B 6 -4.97 -3.95 10.79
CA ARG B 6 -5.00 -3.22 9.54
C ARG B 6 -5.49 -4.05 8.37
N ARG B 7 -5.64 -5.36 8.56
CA ARG B 7 -6.00 -6.31 7.49
C ARG B 7 -7.21 -7.18 7.81
N GLY B 8 -7.88 -6.89 8.92
CA GLY B 8 -9.00 -7.70 9.34
C GLY B 8 -8.61 -8.71 10.37
N ARG B 9 -9.59 -9.51 10.76
CA ARG B 9 -9.39 -10.55 11.75
C ARG B 9 -10.03 -11.86 11.29
N LEU B 10 -9.45 -12.96 11.76
CA LEU B 10 -9.80 -14.32 11.37
C LEU B 10 -10.11 -15.15 12.62
N GLN B 11 -11.23 -15.88 12.58
CA GLN B 11 -11.63 -16.77 13.66
C GLN B 11 -11.14 -18.17 13.28
N LEU B 12 -10.43 -18.81 14.21
CA LEU B 12 -9.83 -20.13 13.99
C LEU B 12 -10.06 -20.95 15.24
N GLU B 13 -10.22 -22.26 15.02
CA GLU B 13 -10.15 -23.23 16.10
C GLU B 13 -9.14 -24.32 15.69
N ILE B 14 -8.13 -24.56 16.53
CA ILE B 14 -7.12 -25.59 16.24
C ILE B 14 -6.94 -26.47 17.45
N ARG B 15 -7.12 -27.78 17.23
CA ARG B 15 -7.02 -28.80 18.28
C ARG B 15 -6.09 -29.92 17.83
N ALA B 16 -5.45 -30.57 18.80
CA ALA B 16 -4.70 -31.81 18.57
C ALA B 16 -5.41 -32.95 19.31
N PRO B 17 -6.30 -33.69 18.62
CA PRO B 17 -6.99 -34.83 19.22
C PRO B 17 -6.04 -35.94 19.68
N THR B 18 -5.00 -36.16 18.89
CA THR B 18 -3.93 -37.09 19.23
C THR B 18 -2.60 -36.36 19.06
N ALA B 19 -1.51 -37.04 19.38
CA ALA B 19 -0.17 -36.49 19.16
C ALA B 19 0.21 -36.50 17.65
N ASP B 20 -0.62 -37.19 16.85
CA ASP B 20 -0.36 -37.40 15.42
C ASP B 20 -1.27 -36.62 14.46
N GLU B 21 -2.27 -35.89 14.99
CA GLU B 21 -3.26 -35.17 14.18
C GLU B 21 -3.45 -33.73 14.68
N ILE B 22 -3.53 -32.78 13.76
CA ILE B 22 -4.04 -31.45 14.10
C ILE B 22 -5.31 -31.19 13.28
N HIS B 23 -6.37 -30.77 13.97
CA HIS B 23 -7.64 -30.42 13.33
C HIS B 23 -7.78 -28.92 13.36
N VAL B 24 -7.83 -28.30 12.19
CA VAL B 24 -7.97 -26.86 12.08
C VAL B 24 -9.35 -26.54 11.52
N THR B 25 -10.12 -25.74 12.24
CA THR B 25 -11.39 -25.21 11.72
C THR B 25 -11.24 -23.74 11.39
N VAL B 26 -11.39 -23.42 10.11
CA VAL B 26 -11.43 -22.04 9.64
C VAL B 26 -12.89 -21.57 9.72
N GLY B 27 -13.15 -20.59 10.58
CA GLY B 27 -14.50 -20.12 10.83
C GLY B 27 -14.91 -19.05 9.85
N GLU B 28 -14.48 -17.82 10.12
CA GLU B 28 -14.88 -16.67 9.32
C GLU B 28 -13.87 -15.55 9.48
N ALA B 29 -13.97 -14.54 8.63
CA ALA B 29 -13.13 -13.37 8.73
C ALA B 29 -14.00 -12.10 8.75
N ARG B 30 -13.49 -11.03 9.34
CA ARG B 30 -14.20 -9.77 9.37
C ARG B 30 -13.27 -8.65 8.93
N ASN B 31 -13.84 -7.67 8.23
CA ASN B 31 -13.16 -6.43 7.89
C ASN B 31 -11.87 -6.59 7.06
N LEU B 32 -11.98 -7.44 6.06
CA LEU B 32 -10.89 -7.64 5.11
C LEU B 32 -10.72 -6.44 4.20
N ILE B 33 -9.56 -6.36 3.57
CA ILE B 33 -9.21 -5.20 2.76
C ILE B 33 -9.71 -5.46 1.32
N PRO B 34 -10.36 -4.45 0.71
CA PRO B 34 -10.75 -4.56 -0.68
C PRO B 34 -9.55 -4.72 -1.61
N MET B 35 -9.63 -5.71 -2.49
CA MET B 35 -8.55 -5.99 -3.41
C MET B 35 -9.00 -6.17 -4.88
N ASP B 36 -10.22 -5.77 -5.19
CA ASP B 36 -10.77 -5.79 -6.53
C ASP B 36 -11.34 -4.41 -6.82
N PRO B 37 -11.54 -4.09 -8.11
CA PRO B 37 -12.13 -2.79 -8.44
C PRO B 37 -13.55 -2.52 -7.91
N ASN B 38 -14.36 -3.55 -7.66
CA ASN B 38 -15.69 -3.36 -7.09
C ASN B 38 -15.66 -3.08 -5.57
N GLY B 39 -14.47 -2.93 -4.98
CA GLY B 39 -14.35 -2.63 -3.57
C GLY B 39 -14.58 -3.82 -2.66
N LEU B 40 -14.52 -5.02 -3.23
CA LEU B 40 -14.74 -6.24 -2.50
C LEU B 40 -13.52 -7.14 -2.73
N SER B 41 -13.63 -8.38 -2.31
CA SER B 41 -12.60 -9.39 -2.60
CA SER B 41 -12.60 -9.39 -2.57
C SER B 41 -13.33 -10.71 -2.72
N ASP B 42 -12.60 -11.77 -3.06
CA ASP B 42 -13.17 -13.13 -3.18
C ASP B 42 -12.34 -14.09 -2.32
N PRO B 43 -12.49 -14.02 -0.99
CA PRO B 43 -11.55 -14.65 -0.08
C PRO B 43 -11.64 -16.17 0.08
N TYR B 44 -10.46 -16.79 0.14
CA TYR B 44 -10.30 -18.16 0.59
C TYR B 44 -9.09 -18.24 1.52
N VAL B 45 -8.99 -19.33 2.26
CA VAL B 45 -7.87 -19.54 3.17
C VAL B 45 -7.06 -20.73 2.72
N LYS B 46 -5.75 -20.51 2.66
CA LYS B 46 -4.77 -21.53 2.35
C LYS B 46 -4.06 -21.96 3.63
N LEU B 47 -4.00 -23.26 3.87
CA LEU B 47 -3.27 -23.83 5.00
C LEU B 47 -2.12 -24.66 4.46
N LYS B 48 -0.96 -24.56 5.09
CA LYS B 48 0.10 -25.51 4.85
C LYS B 48 1.02 -25.59 6.05
N LEU B 49 1.88 -26.61 6.07
CA LEU B 49 2.95 -26.69 7.06
C LEU B 49 4.23 -26.22 6.40
N ILE B 50 4.87 -25.20 6.98
CA ILE B 50 6.10 -24.66 6.39
C ILE B 50 7.30 -24.98 7.29
N PRO B 51 8.50 -25.13 6.70
CA PRO B 51 8.79 -25.07 5.25
C PRO B 51 8.20 -26.25 4.47
N ASP B 52 7.78 -25.97 3.23
CA ASP B 52 7.22 -26.99 2.35
C ASP B 52 7.91 -26.86 0.99
N PRO B 53 9.12 -27.46 0.87
CA PRO B 53 9.85 -27.48 -0.40
C PRO B 53 9.24 -28.44 -1.42
N ARG B 54 8.77 -29.59 -0.95
CA ARG B 54 8.12 -30.60 -1.82
C ARG B 54 6.65 -30.23 -2.14
N ASN B 55 6.12 -29.20 -1.48
CA ASN B 55 4.80 -28.64 -1.79
C ASN B 55 3.66 -29.66 -1.70
N LEU B 56 3.57 -30.33 -0.56
CA LEU B 56 2.71 -31.51 -0.37
C LEU B 56 1.56 -31.32 0.61
N THR B 57 1.62 -30.30 1.46
CA THR B 57 0.67 -30.18 2.58
C THR B 57 -0.45 -29.16 2.35
N LYS B 58 -0.45 -28.47 1.21
CA LYS B 58 -1.42 -27.42 0.96
C LYS B 58 -2.85 -27.93 1.01
N GLN B 59 -3.68 -27.18 1.75
CA GLN B 59 -5.12 -27.39 1.78
C GLN B 59 -5.76 -26.02 1.79
N LYS B 60 -6.97 -25.93 1.28
CA LYS B 60 -7.64 -24.64 1.24
C LYS B 60 -9.15 -24.74 1.30
N THR B 61 -9.75 -23.66 1.80
CA THR B 61 -11.20 -23.52 1.88
C THR B 61 -11.79 -23.24 0.51
N ARG B 62 -13.12 -23.25 0.46
CA ARG B 62 -13.83 -22.71 -0.68
C ARG B 62 -13.62 -21.21 -0.73
N THR B 63 -13.83 -20.66 -1.91
CA THR B 63 -13.78 -19.24 -2.13
C THR B 63 -15.17 -18.69 -1.85
N VAL B 64 -15.24 -17.58 -1.14
CA VAL B 64 -16.51 -16.87 -0.96
C VAL B 64 -16.43 -15.65 -1.86
N LYS B 65 -17.33 -15.57 -2.82
CA LYS B 65 -17.30 -14.51 -3.80
C LYS B 65 -17.88 -13.21 -3.24
N ALA B 66 -17.29 -12.10 -3.64
CA ALA B 66 -17.88 -10.77 -3.44
C ALA B 66 -18.22 -10.45 -1.98
N THR B 67 -17.20 -10.45 -1.12
CA THR B 67 -17.38 -10.13 0.31
C THR B 67 -16.06 -9.67 0.94
N LEU B 68 -16.16 -8.91 2.02
CA LEU B 68 -15.02 -8.61 2.91
C LEU B 68 -15.18 -9.27 4.29
N ASN B 69 -16.24 -10.07 4.43
CA ASN B 69 -16.63 -10.67 5.71
C ASN B 69 -17.06 -12.13 5.48
N PRO B 70 -16.14 -12.96 4.93
CA PRO B 70 -16.48 -14.35 4.54
C PRO B 70 -16.72 -15.27 5.72
N VAL B 71 -17.64 -16.22 5.52
CA VAL B 71 -17.88 -17.29 6.47
C VAL B 71 -17.55 -18.60 5.75
N TRP B 72 -16.60 -19.37 6.28
CA TRP B 72 -16.25 -20.68 5.67
C TRP B 72 -16.76 -21.85 6.47
N ASN B 73 -16.44 -21.86 7.77
CA ASN B 73 -16.75 -22.98 8.66
C ASN B 73 -16.32 -24.34 8.13
N GLU B 74 -15.04 -24.43 7.74
CA GLU B 74 -14.47 -25.68 7.22
C GLU B 74 -13.36 -26.20 8.13
N THR B 75 -13.34 -27.52 8.29
CA THR B 75 -12.36 -28.23 9.10
C THR B 75 -11.41 -29.01 8.22
N PHE B 76 -10.13 -28.99 8.58
CA PHE B 76 -9.07 -29.70 7.86
C PHE B 76 -8.26 -30.50 8.86
N VAL B 77 -7.82 -31.68 8.43
CA VAL B 77 -6.99 -32.54 9.28
C VAL B 77 -5.58 -32.60 8.70
N PHE B 78 -4.60 -32.46 9.58
CA PHE B 78 -3.20 -32.60 9.23
C PHE B 78 -2.61 -33.80 9.97
N ASN B 79 -2.33 -34.87 9.24
CA ASN B 79 -1.71 -36.06 9.80
C ASN B 79 -0.20 -35.85 9.87
N LEU B 80 0.32 -35.73 11.11
CA LEU B 80 1.71 -35.32 11.33
C LEU B 80 2.75 -36.45 11.17
N LYS B 81 3.91 -36.08 10.64
CA LYS B 81 5.10 -36.92 10.59
C LYS B 81 6.03 -36.53 11.75
N PRO B 82 7.08 -37.33 12.02
CA PRO B 82 8.01 -36.96 13.11
C PRO B 82 8.64 -35.56 12.96
N GLY B 83 9.11 -35.24 11.75
CA GLY B 83 9.76 -33.96 11.48
C GLY B 83 8.85 -32.73 11.42
N ASP B 84 7.55 -32.93 11.59
CA ASP B 84 6.60 -31.84 11.63
C ASP B 84 6.67 -31.01 12.92
N VAL B 85 7.35 -31.54 13.95
CA VAL B 85 7.56 -30.76 15.18
C VAL B 85 8.41 -29.50 14.94
N GLU B 86 9.20 -29.52 13.85
CA GLU B 86 10.05 -28.39 13.47
C GLU B 86 9.38 -27.41 12.50
N ARG B 87 8.11 -27.64 12.17
CA ARG B 87 7.39 -26.83 11.19
C ARG B 87 6.31 -25.96 11.85
N ARG B 88 5.70 -25.08 11.04
CA ARG B 88 4.63 -24.20 11.50
C ARG B 88 3.43 -24.34 10.60
N LEU B 89 2.23 -24.23 11.16
CA LEU B 89 1.00 -24.15 10.37
C LEU B 89 0.89 -22.73 9.86
N SER B 90 0.93 -22.59 8.53
CA SER B 90 0.79 -21.31 7.87
C SER B 90 -0.68 -21.15 7.47
N VAL B 91 -1.27 -20.02 7.86
CA VAL B 91 -2.64 -19.69 7.52
C VAL B 91 -2.63 -18.38 6.74
N GLU B 92 -3.07 -18.43 5.48
CA GLU B 92 -3.10 -17.24 4.63
C GLU B 92 -4.46 -17.01 4.00
N VAL B 93 -4.93 -15.77 4.09
CA VAL B 93 -6.12 -15.31 3.40
C VAL B 93 -5.71 -14.64 2.07
N TRP B 94 -6.35 -15.11 1.01
CA TRP B 94 -6.08 -14.68 -0.36
C TRP B 94 -7.37 -14.25 -1.05
N ASP B 95 -7.21 -13.36 -2.01
CA ASP B 95 -8.29 -12.88 -2.86
C ASP B 95 -8.20 -13.59 -4.21
N TRP B 96 -9.15 -14.49 -4.47
CA TRP B 96 -9.23 -15.17 -5.76
C TRP B 96 -9.50 -14.14 -6.84
N ASP B 97 -8.77 -14.19 -7.94
CA ASP B 97 -9.03 -13.30 -9.06
C ASP B 97 -9.28 -14.13 -10.30
N ARG B 98 -10.16 -13.65 -11.17
CA ARG B 98 -10.50 -14.38 -12.39
C ARG B 98 -9.51 -14.12 -13.52
N THR B 99 -9.08 -12.87 -13.66
CA THR B 99 -8.35 -12.43 -14.84
C THR B 99 -6.92 -12.04 -14.51
N SER B 100 -6.53 -12.18 -13.24
CA SER B 100 -5.14 -11.96 -12.86
C SER B 100 -4.78 -12.97 -11.76
N ARG B 101 -3.54 -12.93 -11.31
CA ARG B 101 -3.08 -13.77 -10.19
C ARG B 101 -3.82 -13.40 -8.91
N ASN B 102 -4.08 -14.37 -8.05
CA ASN B 102 -4.74 -14.09 -6.78
C ASN B 102 -3.90 -13.11 -5.91
N ASP B 103 -4.59 -12.27 -5.14
CA ASP B 103 -3.92 -11.25 -4.33
C ASP B 103 -3.82 -11.67 -2.87
N PHE B 104 -2.64 -11.52 -2.30
CA PHE B 104 -2.48 -11.77 -0.86
C PHE B 104 -3.26 -10.75 -0.04
N MET B 105 -3.96 -11.23 1.01
CA MET B 105 -4.72 -10.36 1.92
C MET B 105 -4.12 -10.33 3.33
N GLY B 106 -3.89 -11.50 3.92
CA GLY B 106 -3.41 -11.56 5.30
C GLY B 106 -2.97 -12.92 5.77
N ALA B 107 -2.15 -12.94 6.81
CA ALA B 107 -1.50 -14.16 7.26
C ALA B 107 -1.19 -14.25 8.76
N MET B 108 -0.85 -15.47 9.16
CA MET B 108 -0.34 -15.79 10.49
C MET B 108 0.18 -17.22 10.44
N SER B 109 0.80 -17.65 11.54
CA SER B 109 1.29 -19.01 11.68
C SER B 109 1.33 -19.46 13.13
N PHE B 110 1.29 -20.77 13.32
CA PHE B 110 1.36 -21.39 14.64
C PHE B 110 2.38 -22.50 14.63
N GLY B 111 3.27 -22.52 15.62
CA GLY B 111 4.22 -23.64 15.77
C GLY B 111 3.45 -24.94 15.96
N VAL B 112 3.86 -26.00 15.26
CA VAL B 112 3.21 -27.32 15.44
C VAL B 112 3.44 -27.84 16.87
N SER B 113 4.63 -27.62 17.39
CA SER B 113 4.95 -27.96 18.78
C SER B 113 4.02 -27.27 19.76
N GLU B 114 3.77 -25.97 19.54
CA GLU B 114 2.95 -25.18 20.47
C GLU B 114 1.49 -25.61 20.42
N LEU B 115 1.01 -25.98 19.24
CA LEU B 115 -0.35 -26.47 19.06
C LEU B 115 -0.59 -27.80 19.75
N LEU B 116 0.43 -28.66 19.76
CA LEU B 116 0.34 -29.94 20.50
C LEU B 116 0.25 -29.74 22.03
N LYS B 117 0.78 -28.63 22.52
CA LYS B 117 0.71 -28.28 23.95
C LYS B 117 -0.65 -27.70 24.35
N ALA B 118 -1.17 -26.76 23.55
CA ALA B 118 -2.36 -25.98 23.90
C ALA B 118 -3.22 -25.65 22.68
N PRO B 119 -4.55 -25.82 22.79
CA PRO B 119 -5.42 -25.53 21.66
C PRO B 119 -5.67 -24.03 21.43
N VAL B 120 -6.14 -23.71 20.23
CA VAL B 120 -6.48 -22.37 19.81
C VAL B 120 -7.99 -22.31 19.55
N ASP B 121 -8.66 -21.32 20.13
CA ASP B 121 -10.07 -21.04 19.84
C ASP B 121 -10.33 -19.54 20.02
N GLY B 122 -10.22 -18.77 18.95
CA GLY B 122 -10.47 -17.34 19.05
C GLY B 122 -10.19 -16.55 17.81
N TRP B 123 -10.23 -15.23 17.96
CA TRP B 123 -10.00 -14.30 16.85
C TRP B 123 -8.54 -13.86 16.83
N TYR B 124 -8.03 -13.71 15.62
CA TYR B 124 -6.63 -13.41 15.36
C TYR B 124 -6.47 -12.27 14.36
N LYS B 125 -5.50 -11.42 14.64
CA LYS B 125 -5.11 -10.32 13.75
C LYS B 125 -4.37 -10.86 12.53
N LEU B 126 -4.87 -10.51 11.35
CA LEU B 126 -4.20 -10.83 10.10
C LEU B 126 -2.96 -9.94 9.93
N LEU B 127 -1.84 -10.58 9.60
CA LEU B 127 -0.54 -9.93 9.48
C LEU B 127 -0.15 -9.87 8.01
N ASN B 128 0.91 -9.14 7.71
CA ASN B 128 1.47 -9.16 6.36
C ASN B 128 2.11 -10.53 6.07
N GLN B 129 2.31 -10.81 4.78
CA GLN B 129 2.74 -12.14 4.35
C GLN B 129 4.09 -12.60 4.92
N GLU B 130 5.03 -11.67 5.06
CA GLU B 130 6.32 -11.98 5.63
C GLU B 130 6.23 -12.31 7.10
N GLU B 131 5.62 -11.42 7.88
CA GLU B 131 5.50 -11.57 9.33
C GLU B 131 4.63 -12.77 9.69
N GLY B 132 3.62 -13.00 8.85
CA GLY B 132 2.70 -14.12 9.03
C GLY B 132 3.38 -15.47 9.14
N GLU B 133 4.53 -15.65 8.48
CA GLU B 133 5.25 -16.92 8.54
C GLU B 133 5.97 -17.18 9.87
N TYR B 134 6.01 -16.18 10.74
CA TYR B 134 6.83 -16.27 11.94
C TYR B 134 6.04 -16.20 13.24
N TYR B 135 4.84 -15.61 13.24
CA TYR B 135 4.07 -15.53 14.49
C TYR B 135 2.57 -15.32 14.28
N ASN B 136 1.84 -15.37 15.39
CA ASN B 136 0.41 -15.04 15.43
C ASN B 136 0.13 -14.06 16.56
N VAL B 137 -0.97 -13.34 16.41
CA VAL B 137 -1.37 -12.33 17.36
C VAL B 137 -2.85 -12.51 17.66
N PRO B 138 -3.17 -13.11 18.82
CA PRO B 138 -4.56 -13.09 19.26
C PRO B 138 -5.04 -11.65 19.42
N VAL B 139 -6.25 -11.34 19.00
CA VAL B 139 -6.73 -9.96 19.07
C VAL B 139 -6.75 -9.47 20.53
N ALA B 140 -6.59 -8.17 20.72
CA ALA B 140 -6.58 -7.59 22.06
C ALA B 140 -7.94 -7.78 22.75
N ASP B 141 -7.93 -8.02 24.06
CA ASP B 141 -9.17 -8.11 24.82
C ASP B 141 -9.78 -6.70 24.94
N ALA B 142 -11.10 -6.62 24.91
CA ALA B 142 -11.81 -5.35 25.07
C ALA B 142 -11.71 -4.85 26.51
N MET C 2 9.91 0.73 8.32
CA MET C 2 9.27 1.52 9.36
C MET C 2 8.45 2.61 8.67
N HIS C 3 8.38 2.55 7.34
CA HIS C 3 7.85 3.73 6.63
C HIS C 3 6.49 3.51 5.98
N THR C 4 5.78 2.47 6.39
CA THR C 4 4.42 2.25 5.90
C THR C 4 3.50 3.34 6.42
N GLU C 5 2.95 4.12 5.50
CA GLU C 5 2.15 5.30 5.88
C GLU C 5 0.68 4.94 6.06
N ARG C 6 0.19 5.14 7.29
CA ARG C 6 -1.19 4.82 7.60
C ARG C 6 -2.01 6.03 7.98
N ARG C 7 -1.35 7.18 8.09
CA ARG C 7 -1.97 8.41 8.56
C ARG C 7 -1.69 9.57 7.62
N GLY C 8 -1.12 9.28 6.45
CA GLY C 8 -0.67 10.33 5.55
C GLY C 8 0.75 10.79 5.78
N ARG C 9 1.10 11.82 5.02
CA ARG C 9 2.46 12.35 4.98
C ARG C 9 2.42 13.87 4.99
N LEU C 10 3.44 14.46 5.61
CA LEU C 10 3.53 15.90 5.81
C LEU C 10 4.85 16.42 5.25
N GLN C 11 4.76 17.52 4.49
CA GLN C 11 5.92 18.20 3.93
C GLN C 11 6.31 19.33 4.88
N LEU C 12 7.60 19.36 5.25
CA LEU C 12 8.16 20.32 6.20
C LEU C 12 9.55 20.75 5.76
N GLU C 13 9.91 21.96 6.12
CA GLU C 13 11.27 22.45 6.00
C GLU C 13 11.61 23.07 7.35
N ILE C 14 12.75 22.68 7.92
CA ILE C 14 13.19 23.21 9.20
C ILE C 14 14.65 23.62 9.05
N ARG C 15 14.95 24.87 9.38
CA ARG C 15 16.32 25.37 9.31
C ARG C 15 16.69 26.10 10.59
N ALA C 16 17.98 26.17 10.87
CA ALA C 16 18.53 26.92 11.99
C ALA C 16 19.49 27.97 11.45
N PRO C 17 18.98 29.18 11.14
CA PRO C 17 19.87 30.21 10.60
C PRO C 17 20.95 30.70 11.59
N THR C 18 20.62 30.71 12.89
CA THR C 18 21.59 30.93 13.94
C THR C 18 21.49 29.79 14.94
N ALA C 19 22.37 29.81 15.94
CA ALA C 19 22.37 28.79 17.00
C ALA C 19 21.25 28.99 18.02
N ASP C 20 20.52 30.11 17.94
CA ASP C 20 19.47 30.43 18.90
C ASP C 20 18.08 30.58 18.24
N GLU C 21 17.95 30.12 16.99
CA GLU C 21 16.72 30.34 16.22
C GLU C 21 16.42 29.14 15.32
N ILE C 22 15.20 28.63 15.38
CA ILE C 22 14.75 27.61 14.43
C ILE C 22 13.53 28.12 13.66
N HIS C 23 13.60 28.03 12.34
CA HIS C 23 12.51 28.42 11.45
C HIS C 23 11.84 27.16 10.89
N VAL C 24 10.55 26.98 11.16
CA VAL C 24 9.78 25.83 10.68
C VAL C 24 8.77 26.27 9.64
N THR C 25 8.85 25.73 8.43
CA THR C 25 7.84 25.97 7.40
C THR C 25 6.99 24.73 7.23
N VAL C 26 5.72 24.85 7.60
CA VAL C 26 4.73 23.77 7.42
C VAL C 26 4.16 23.93 6.02
N GLY C 27 4.44 22.94 5.16
CA GLY C 27 4.08 23.00 3.77
C GLY C 27 2.64 22.56 3.55
N GLU C 28 2.46 21.25 3.44
CA GLU C 28 1.17 20.65 3.10
C GLU C 28 1.14 19.19 3.55
N ALA C 29 -0.03 18.60 3.56
CA ALA C 29 -0.17 17.18 3.89
C ALA C 29 -0.94 16.48 2.77
N ARG C 30 -0.71 15.19 2.61
CA ARG C 30 -1.46 14.36 1.70
C ARG C 30 -2.03 13.15 2.40
N ASN C 31 -3.18 12.68 1.92
CA ASN C 31 -3.73 11.37 2.30
C ASN C 31 -4.02 11.27 3.79
N LEU C 32 -4.48 12.37 4.40
CA LEU C 32 -4.86 12.33 5.80
C LEU C 32 -6.11 11.49 6.01
N ILE C 33 -6.32 11.06 7.23
CA ILE C 33 -7.40 10.16 7.56
C ILE C 33 -8.69 10.94 7.88
N PRO C 34 -9.83 10.53 7.31
CA PRO C 34 -11.11 11.16 7.65
C PRO C 34 -11.46 11.01 9.14
N MET C 35 -11.85 12.12 9.75
CA MET C 35 -12.18 12.13 11.18
C MET C 35 -13.49 12.85 11.47
N ASP C 36 -14.28 13.09 10.43
CA ASP C 36 -15.61 13.71 10.55
C ASP C 36 -16.63 12.85 9.84
N PRO C 37 -17.93 13.03 10.16
CA PRO C 37 -18.96 12.25 9.47
C PRO C 37 -19.04 12.46 7.95
N ASN C 38 -18.60 13.61 7.46
CA ASN C 38 -18.58 13.86 6.03
C ASN C 38 -17.43 13.17 5.30
N GLY C 39 -16.61 12.39 6.01
CA GLY C 39 -15.47 11.72 5.42
C GLY C 39 -14.27 12.61 5.11
N LEU C 40 -14.25 13.79 5.69
CA LEU C 40 -13.15 14.72 5.55
C LEU C 40 -12.63 15.05 6.94
N SER C 41 -11.77 16.06 7.03
CA SER C 41 -11.33 16.60 8.31
CA SER C 41 -11.26 16.57 8.28
C SER C 41 -11.05 18.08 8.10
N ASP C 42 -10.68 18.78 9.18
CA ASP C 42 -10.43 20.23 9.11
C ASP C 42 -9.05 20.47 9.72
N PRO C 43 -8.00 20.11 8.98
CA PRO C 43 -6.67 19.99 9.58
C PRO C 43 -5.95 21.30 9.91
N TYR C 44 -5.24 21.29 11.04
CA TYR C 44 -4.26 22.31 11.35
C TYR C 44 -3.07 21.63 11.99
N VAL C 45 -1.95 22.34 12.02
CA VAL C 45 -0.73 21.84 12.62
C VAL C 45 -0.36 22.65 13.86
N LYS C 46 -0.07 21.92 14.93
CA LYS C 46 0.36 22.46 16.19
C LYS C 46 1.85 22.17 16.35
N LEU C 47 2.63 23.22 16.62
CA LEU C 47 4.06 23.15 16.86
C LEU C 47 4.37 23.56 18.30
N LYS C 48 5.24 22.81 18.97
CA LYS C 48 5.75 23.24 20.26
C LYS C 48 7.07 22.54 20.58
N LEU C 49 7.84 23.10 21.49
CA LEU C 49 9.05 22.44 21.99
C LEU C 49 8.66 21.66 23.22
N ILE C 50 8.97 20.37 23.22
CA ILE C 50 8.62 19.50 24.35
C ILE C 50 9.88 19.00 25.08
N PRO C 51 9.78 18.80 26.42
CA PRO C 51 8.61 19.04 27.27
C PRO C 51 8.28 20.52 27.51
N ASP C 52 7.00 20.86 27.56
CA ASP C 52 6.52 22.22 27.78
C ASP C 52 5.55 22.23 28.97
N PRO C 53 6.09 22.13 30.20
CA PRO C 53 5.25 22.14 31.40
C PRO C 53 4.54 23.50 31.66
N ARG C 54 5.22 24.61 31.34
CA ARG C 54 4.59 25.94 31.44
C ARG C 54 3.66 26.27 30.24
N ASN C 55 3.67 25.40 29.22
CA ASN C 55 2.79 25.52 28.04
C ASN C 55 2.91 26.89 27.35
N LEU C 56 4.13 27.25 27.00
CA LEU C 56 4.45 28.57 26.48
C LEU C 56 4.83 28.62 24.99
N THR C 57 5.19 27.48 24.39
CA THR C 57 5.83 27.47 23.07
C THR C 57 4.87 27.17 21.91
N LYS C 58 3.60 26.93 22.24
CA LYS C 58 2.64 26.49 21.23
C LYS C 58 2.45 27.52 20.13
N GLN C 59 2.62 27.08 18.88
CA GLN C 59 2.23 27.86 17.71
C GLN C 59 1.43 26.94 16.80
N LYS C 60 0.52 27.52 16.03
CA LYS C 60 -0.27 26.71 15.12
C LYS C 60 -0.59 27.40 13.82
N THR C 61 -0.79 26.59 12.79
CA THR C 61 -1.20 27.07 11.49
C THR C 61 -2.68 27.42 11.52
N ARG C 62 -3.14 28.09 10.47
CA ARG C 62 -4.56 28.16 10.11
C ARG C 62 -5.16 26.75 9.95
N THR C 63 -6.45 26.64 10.24
CA THR C 63 -7.22 25.47 9.91
C THR C 63 -7.68 25.55 8.45
N VAL C 64 -7.45 24.48 7.69
CA VAL C 64 -7.99 24.38 6.35
C VAL C 64 -9.20 23.48 6.45
N LYS C 65 -10.37 24.01 6.16
CA LYS C 65 -11.59 23.25 6.38
C LYS C 65 -11.90 22.28 5.23
N ALA C 66 -12.49 21.15 5.60
CA ALA C 66 -13.06 20.19 4.64
C ALA C 66 -12.07 19.64 3.61
N THR C 67 -11.01 18.99 4.07
CA THR C 67 -10.01 18.43 3.17
C THR C 67 -9.22 17.34 3.88
N LEU C 68 -8.63 16.44 3.09
CA LEU C 68 -7.68 15.46 3.59
C LEU C 68 -6.30 15.71 2.98
N ASN C 69 -6.17 16.83 2.28
CA ASN C 69 -4.96 17.20 1.55
C ASN C 69 -4.69 18.69 1.68
N PRO C 70 -4.53 19.16 2.93
CA PRO C 70 -4.40 20.61 3.16
C PRO C 70 -3.07 21.21 2.72
N VAL C 71 -3.12 22.45 2.27
CA VAL C 71 -1.95 23.25 1.94
C VAL C 71 -1.92 24.46 2.89
N TRP C 72 -0.84 24.58 3.66
CA TRP C 72 -0.67 25.70 4.60
C TRP C 72 0.33 26.74 4.13
N ASN C 73 1.54 26.28 3.82
CA ASN C 73 2.66 27.14 3.45
C ASN C 73 2.84 28.28 4.44
N GLU C 74 3.07 27.92 5.70
CA GLU C 74 3.20 28.90 6.79
C GLU C 74 4.53 28.69 7.52
N THR C 75 5.17 29.79 7.90
CA THR C 75 6.49 29.76 8.55
C THR C 75 6.44 30.27 9.98
N PHE C 76 7.12 29.56 10.88
CA PHE C 76 7.15 29.89 12.30
C PHE C 76 8.58 30.01 12.78
N VAL C 77 8.78 30.90 13.76
CA VAL C 77 10.09 31.11 14.35
C VAL C 77 10.03 30.69 15.82
N PHE C 78 11.03 29.91 16.23
CA PHE C 78 11.24 29.57 17.63
C PHE C 78 12.55 30.17 18.07
N ASN C 79 12.48 31.14 18.98
CA ASN C 79 13.66 31.71 19.58
C ASN C 79 14.07 30.83 20.75
N LEU C 80 15.24 30.20 20.64
CA LEU C 80 15.64 29.18 21.60
C LEU C 80 16.19 29.79 22.90
N LYS C 81 15.85 29.16 24.02
CA LYS C 81 16.42 29.46 25.34
C LYS C 81 17.45 28.38 25.69
N PRO C 82 18.31 28.62 26.71
CA PRO C 82 19.39 27.67 27.00
C PRO C 82 18.96 26.21 27.16
N GLY C 83 17.88 25.97 27.91
CA GLY C 83 17.36 24.61 28.10
C GLY C 83 16.71 23.93 26.90
N ASP C 84 16.48 24.68 25.82
CA ASP C 84 15.81 24.15 24.63
C ASP C 84 16.63 23.13 23.82
N VAL C 85 17.94 23.09 24.02
CA VAL C 85 18.80 22.11 23.33
C VAL C 85 18.54 20.67 23.79
N GLU C 86 17.89 20.53 24.95
CA GLU C 86 17.48 19.24 25.47
C GLU C 86 16.05 18.88 25.05
N ARG C 87 15.40 19.74 24.27
CA ARG C 87 13.98 19.57 23.92
C ARG C 87 13.83 19.00 22.51
N ARG C 88 12.59 18.71 22.13
CA ARG C 88 12.28 18.28 20.76
C ARG C 88 11.22 19.22 20.21
N LEU C 89 11.28 19.47 18.90
CA LEU C 89 10.19 20.13 18.21
C LEU C 89 9.08 19.11 17.93
N SER C 90 7.93 19.30 18.58
CA SER C 90 6.76 18.48 18.35
C SER C 90 5.89 19.07 17.23
N VAL C 91 5.53 18.22 16.27
CA VAL C 91 4.71 18.58 15.14
C VAL C 91 3.47 17.66 15.12
N GLU C 92 2.28 18.20 15.32
CA GLU C 92 1.06 17.39 15.34
C GLU C 92 -0.02 17.96 14.41
N VAL C 93 -0.64 17.06 13.64
CA VAL C 93 -1.77 17.40 12.79
C VAL C 93 -3.04 17.01 13.55
N TRP C 94 -3.95 17.98 13.65
CA TRP C 94 -5.22 17.85 14.35
C TRP C 94 -6.40 18.19 13.43
N ASP C 95 -7.55 17.59 13.73
CA ASP C 95 -8.81 17.83 13.05
C ASP C 95 -9.63 18.77 13.94
N TRP C 96 -9.78 20.02 13.51
CA TRP C 96 -10.63 20.97 14.23
C TRP C 96 -12.07 20.50 14.16
N ASP C 97 -12.78 20.54 15.29
CA ASP C 97 -14.21 20.18 15.32
C ASP C 97 -15.01 21.28 15.93
N ARG C 98 -16.21 21.50 15.41
CA ARG C 98 -17.07 22.57 15.86
C ARG C 98 -17.80 22.24 17.16
N THR C 99 -18.32 21.03 17.24
CA THR C 99 -19.26 20.67 18.31
C THR C 99 -18.68 19.65 19.30
N SER C 100 -17.43 19.23 19.09
CA SER C 100 -16.72 18.35 20.00
C SER C 100 -15.25 18.76 20.08
N ARG C 101 -14.50 18.08 20.93
CA ARG C 101 -13.05 18.29 21.05
C ARG C 101 -12.34 17.97 19.74
N ASN C 102 -11.30 18.73 19.41
CA ASN C 102 -10.51 18.43 18.21
C ASN C 102 -9.90 17.02 18.30
N ASP C 103 -9.80 16.37 17.15
CA ASP C 103 -9.30 14.99 17.06
C ASP C 103 -7.87 14.93 16.55
N PHE C 104 -7.06 14.13 17.21
CA PHE C 104 -5.67 13.94 16.80
C PHE C 104 -5.64 13.17 15.47
N MET C 105 -4.79 13.62 14.56
CA MET C 105 -4.59 12.92 13.29
C MET C 105 -3.22 12.25 13.16
N GLY C 106 -2.15 12.97 13.42
CA GLY C 106 -0.81 12.45 13.16
C GLY C 106 0.27 13.30 13.76
N ALA C 107 1.42 12.68 14.01
CA ALA C 107 2.49 13.39 14.70
C ALA C 107 3.91 12.97 14.30
N MET C 108 4.86 13.80 14.71
CA MET C 108 6.27 13.49 14.61
C MET C 108 7.03 14.53 15.44
N SER C 109 8.33 14.29 15.60
CA SER C 109 9.20 15.20 16.33
C SER C 109 10.64 15.16 15.86
N PHE C 110 11.35 16.25 16.14
CA PHE C 110 12.74 16.45 15.76
C PHE C 110 13.52 16.95 16.98
N GLY C 111 14.65 16.32 17.28
CA GLY C 111 15.49 16.80 18.36
C GLY C 111 16.05 18.17 18.02
N VAL C 112 15.91 19.13 18.93
CA VAL C 112 16.43 20.48 18.74
C VAL C 112 17.94 20.48 18.48
N SER C 113 18.68 19.70 19.26
CA SER C 113 20.13 19.58 19.09
C SER C 113 20.50 19.00 17.70
N GLU C 114 19.65 18.15 17.14
CA GLU C 114 19.91 17.61 15.80
C GLU C 114 19.59 18.63 14.69
N LEU C 115 18.53 19.41 14.87
CA LEU C 115 18.15 20.47 13.94
C LEU C 115 19.20 21.59 13.86
N LEU C 116 19.92 21.80 14.95
CA LEU C 116 21.00 22.77 14.97
C LEU C 116 22.21 22.28 14.14
N LYS C 117 22.33 20.97 13.96
CA LYS C 117 23.41 20.35 13.16
C LYS C 117 23.11 20.21 11.67
N ALA C 118 21.85 19.92 11.33
CA ALA C 118 21.46 19.67 9.94
C ALA C 118 19.99 20.02 9.71
N PRO C 119 19.68 20.72 8.60
CA PRO C 119 18.30 21.10 8.29
C PRO C 119 17.42 19.96 7.78
N VAL C 120 16.11 20.19 7.83
CA VAL C 120 15.09 19.30 7.31
C VAL C 120 14.43 19.95 6.08
N ASP C 121 14.17 19.16 5.05
CA ASP C 121 13.41 19.63 3.88
C ASP C 121 12.90 18.43 3.10
N GLY C 122 11.68 17.99 3.40
CA GLY C 122 11.10 16.86 2.69
C GLY C 122 9.75 16.39 3.23
N TRP C 123 9.34 15.21 2.77
CA TRP C 123 8.09 14.58 3.20
C TRP C 123 8.35 13.57 4.32
N TYR C 124 7.45 13.57 5.30
CA TYR C 124 7.55 12.74 6.48
C TYR C 124 6.28 11.95 6.73
N LYS C 125 6.47 10.72 7.19
CA LYS C 125 5.39 9.83 7.60
C LYS C 125 4.78 10.31 8.92
N LEU C 126 3.46 10.42 8.96
CA LEU C 126 2.73 10.74 10.17
C LEU C 126 2.59 9.52 11.08
N LEU C 127 2.95 9.71 12.35
CA LEU C 127 2.99 8.65 13.35
C LEU C 127 1.86 8.85 14.34
N ASN C 128 1.62 7.85 15.20
CA ASN C 128 0.64 8.01 16.27
C ASN C 128 1.14 9.01 17.28
N GLN C 129 0.25 9.44 18.16
CA GLN C 129 0.55 10.56 19.07
C GLN C 129 1.69 10.26 20.03
N GLU C 130 1.77 9.01 20.48
CA GLU C 130 2.83 8.60 21.40
C GLU C 130 4.18 8.48 20.72
N GLU C 131 4.24 7.72 19.63
CA GLU C 131 5.48 7.59 18.82
C GLU C 131 6.02 8.93 18.31
N GLY C 132 5.11 9.82 17.89
CA GLY C 132 5.47 11.13 17.37
C GLY C 132 6.20 12.04 18.33
N GLU C 133 6.02 11.85 19.65
CA GLU C 133 6.77 12.63 20.64
C GLU C 133 8.27 12.27 20.68
N TYR C 134 8.64 11.13 20.09
CA TYR C 134 10.01 10.63 20.17
C TYR C 134 10.73 10.55 18.85
N TYR C 135 9.98 10.43 17.76
CA TYR C 135 10.51 10.03 16.44
C TYR C 135 10.00 10.86 15.26
N ASN C 136 10.80 10.89 14.19
CA ASN C 136 10.34 11.26 12.86
C ASN C 136 10.86 10.22 11.87
N VAL C 137 10.12 10.06 10.77
CA VAL C 137 10.43 9.09 9.72
C VAL C 137 10.29 9.76 8.36
N PRO C 138 11.43 10.11 7.73
CA PRO C 138 11.35 10.54 6.34
C PRO C 138 10.69 9.45 5.50
N VAL C 139 9.80 9.84 4.60
CA VAL C 139 9.15 8.83 3.74
C VAL C 139 10.21 8.01 2.98
N ALA C 140 9.90 6.75 2.71
CA ALA C 140 10.83 5.92 1.95
C ALA C 140 10.88 6.45 0.51
N ASP C 141 12.07 6.51 -0.10
CA ASP C 141 12.15 6.90 -1.52
C ASP C 141 11.79 5.67 -2.37
N ALA C 142 11.26 5.93 -3.57
CA ALA C 142 10.88 4.87 -4.49
C ALA C 142 12.11 4.17 -5.06
#